data_1QZY
#
_entry.id   1QZY
#
_cell.length_a   90.610
_cell.length_b   99.040
_cell.length_c   101.383
_cell.angle_alpha   90.00
_cell.angle_beta   90.00
_cell.angle_gamma   90.00
#
_symmetry.space_group_name_H-M   'C 2 2 21'
#
loop_
_entity.id
_entity.type
_entity.pdbx_description
1 polymer 'Methionine aminopeptidase 2'
2 non-polymer 'COBALT (II) ION'
3 non-polymer '(E)-(2R,3R,4S,5R)-3,4,5-TRIHYDROXY-2-METHOXY-8,8-DIMETHYL-NON-6-ENOIC ACID ((3S,6R)-6-HYDROXY-2-OXO-AZEPAN-3-YL)-AMIDE'
4 non-polymer 'TERTIARY-BUTYL ALCOHOL'
5 water water
#
_entity_poly.entity_id   1
_entity_poly.type   'polypeptide(L)'
_entity_poly.pdbx_seq_one_letter_code
;MAGVEEVAASGSHLNGDLDPDDREEGAASTAEEAAKKKRRKKKKSKGPSAAGEQEPDKESGASVDEVARQLERSALEDKE
RDEDDEDGDGDGDGATGKKKKKKKKKRGPKVQTDPPSVPICDLYPNGVFPKGQECEYPPTQDGRTAAWRTTSEEKKALDQ
ASEEIWNDFREAAEAHRQVRKYVMSWIKPGMTMIEICEKLEDCSRKLIKENGLNAGLAFPTGCSLNNCAAHYTPNAGDTT
VLQYDDICKIDFGTHISGRIIDCAFTVTFNPKYDTLLKAVKDATNTGIKCAGIDVRLCDVGEAIQEVMESYEVEIDGKTY
QVKPIRNLNGHSIGQYRIHAGKTVPIIKGGEATRMEEGEVYAIETFGSTGKGVVHDDMECSHYMKNFDVGHVPIRLPRTK
HLLNVINENFGTLAFCRRWLDRLGESKYLMALKNLCDLGIVDPYPPLCDIKGSYTAQFEHTILLRPTCKEVVSRGDDY
;
_entity_poly.pdbx_strand_id   A
#
# COMPACT_ATOMS: atom_id res chain seq x y z
N LYS A 110 -11.20 -26.16 -10.35
CA LYS A 110 -9.71 -26.10 -10.38
C LYS A 110 -9.17 -25.42 -9.13
N VAL A 111 -7.92 -25.74 -8.79
CA VAL A 111 -7.27 -25.17 -7.62
C VAL A 111 -6.02 -24.39 -8.04
N GLN A 112 -5.45 -23.64 -7.11
CA GLN A 112 -4.27 -22.84 -7.38
C GLN A 112 -3.03 -23.74 -7.45
N THR A 113 -2.20 -23.52 -8.46
CA THR A 113 -0.98 -24.30 -8.64
C THR A 113 0.04 -23.86 -7.59
N ASP A 114 0.98 -24.74 -7.24
CA ASP A 114 2.00 -24.41 -6.26
C ASP A 114 2.44 -22.98 -6.53
N PRO A 115 3.33 -22.76 -7.53
CA PRO A 115 3.65 -21.34 -7.69
C PRO A 115 2.39 -20.78 -8.37
N PRO A 116 1.61 -19.96 -7.66
CA PRO A 116 0.38 -19.37 -8.20
C PRO A 116 0.44 -18.87 -9.65
N SER A 117 -0.56 -19.26 -10.43
CA SER A 117 -0.65 -18.86 -11.83
C SER A 117 -2.09 -18.79 -12.31
N VAL A 118 -3.01 -19.33 -11.51
CA VAL A 118 -4.43 -19.34 -11.86
C VAL A 118 -5.13 -18.08 -11.37
N PRO A 119 -5.73 -17.30 -12.29
CA PRO A 119 -6.43 -16.08 -11.89
C PRO A 119 -7.45 -16.34 -10.78
N ILE A 120 -7.57 -15.40 -9.85
CA ILE A 120 -8.51 -15.55 -8.76
C ILE A 120 -9.94 -15.73 -9.28
N CYS A 121 -10.28 -15.01 -10.34
CA CYS A 121 -11.62 -15.11 -10.91
C CYS A 121 -11.93 -16.51 -11.46
N ASP A 122 -10.90 -17.27 -11.80
CA ASP A 122 -11.12 -18.63 -12.31
C ASP A 122 -11.18 -19.63 -11.16
N LEU A 123 -10.77 -19.19 -9.98
CA LEU A 123 -10.83 -20.06 -8.81
C LEU A 123 -12.21 -19.88 -8.20
N TYR A 124 -12.89 -18.81 -8.60
CA TYR A 124 -14.21 -18.54 -8.08
C TYR A 124 -15.25 -18.44 -9.20
N PRO A 125 -15.86 -19.60 -9.53
CA PRO A 125 -16.89 -19.96 -10.52
C PRO A 125 -18.10 -19.05 -10.65
N ASN A 126 -18.77 -18.82 -9.52
CA ASN A 126 -19.97 -18.00 -9.47
C ASN A 126 -19.64 -16.52 -9.35
N GLY A 127 -18.35 -16.20 -9.40
CA GLY A 127 -17.95 -14.82 -9.30
C GLY A 127 -18.16 -14.21 -7.93
N VAL A 128 -18.30 -15.07 -6.92
CA VAL A 128 -18.48 -14.60 -5.55
C VAL A 128 -17.17 -14.86 -4.81
N PHE A 129 -16.54 -13.78 -4.33
CA PHE A 129 -15.27 -13.91 -3.65
C PHE A 129 -15.36 -13.88 -2.12
N PRO A 130 -14.41 -14.57 -1.45
CA PRO A 130 -14.32 -14.68 0.01
C PRO A 130 -14.27 -13.36 0.76
N LYS A 131 -15.06 -13.27 1.83
CA LYS A 131 -15.10 -12.07 2.65
C LYS A 131 -13.86 -12.05 3.53
N GLY A 132 -13.50 -10.87 4.03
CA GLY A 132 -12.36 -10.76 4.90
C GLY A 132 -12.89 -10.92 6.33
N GLN A 133 -12.12 -10.48 7.31
CA GLN A 133 -12.57 -10.59 8.69
C GLN A 133 -13.68 -9.58 8.98
N GLU A 134 -14.85 -10.07 9.35
CA GLU A 134 -15.97 -9.19 9.64
C GLU A 134 -16.03 -8.91 11.14
N CYS A 135 -16.06 -7.62 11.48
CA CYS A 135 -16.10 -7.21 12.87
C CYS A 135 -17.29 -6.34 13.20
N GLU A 136 -17.70 -6.42 14.46
CA GLU A 136 -18.81 -5.64 14.99
C GLU A 136 -18.21 -4.26 15.24
N TYR A 137 -19.01 -3.21 15.05
CA TYR A 137 -18.53 -1.85 15.28
C TYR A 137 -18.34 -1.57 16.76
N PRO A 138 -17.36 -0.73 17.10
CA PRO A 138 -17.08 -0.39 18.51
C PRO A 138 -18.28 0.19 19.27
N GLU A 153 -31.62 -5.22 8.79
CA GLU A 153 -32.87 -4.55 8.47
C GLU A 153 -32.70 -3.66 7.25
N GLU A 154 -32.77 -2.35 7.47
CA GLU A 154 -32.62 -1.37 6.40
C GLU A 154 -31.14 -1.18 6.07
N LYS A 155 -30.29 -1.22 7.08
CA LYS A 155 -28.84 -1.09 6.87
C LYS A 155 -28.35 -2.34 6.18
N LYS A 156 -29.04 -3.45 6.41
CA LYS A 156 -28.67 -4.73 5.80
C LYS A 156 -29.00 -4.66 4.32
N ALA A 157 -30.11 -3.99 4.00
CA ALA A 157 -30.54 -3.83 2.63
C ALA A 157 -29.53 -2.92 1.92
N LEU A 158 -29.14 -1.86 2.61
CA LEU A 158 -28.19 -0.89 2.08
C LEU A 158 -26.82 -1.54 1.84
N ASP A 159 -26.46 -2.48 2.72
CA ASP A 159 -25.19 -3.18 2.60
C ASP A 159 -25.22 -4.06 1.36
N GLN A 160 -26.31 -4.80 1.18
CA GLN A 160 -26.47 -5.69 0.04
C GLN A 160 -26.53 -4.94 -1.29
N ALA A 161 -26.93 -3.68 -1.24
CA ALA A 161 -27.04 -2.85 -2.45
C ALA A 161 -25.69 -2.55 -3.10
N SER A 162 -24.61 -2.63 -2.32
CA SER A 162 -23.28 -2.34 -2.85
C SER A 162 -22.44 -3.61 -2.89
N GLU A 163 -23.12 -4.75 -2.90
CA GLU A 163 -22.47 -6.06 -2.92
C GLU A 163 -21.44 -6.24 -4.02
N GLU A 164 -21.73 -5.74 -5.22
CA GLU A 164 -20.81 -5.87 -6.34
C GLU A 164 -19.51 -5.10 -6.09
N ILE A 165 -19.61 -4.02 -5.31
CA ILE A 165 -18.43 -3.22 -4.98
C ILE A 165 -17.58 -3.98 -3.96
N TRP A 166 -18.22 -4.48 -2.90
CA TRP A 166 -17.52 -5.22 -1.86
C TRP A 166 -16.86 -6.44 -2.50
N ASN A 167 -17.56 -7.05 -3.45
CA ASN A 167 -17.07 -8.23 -4.15
C ASN A 167 -15.81 -7.94 -4.96
N ASP A 168 -15.75 -6.75 -5.57
CA ASP A 168 -14.56 -6.39 -6.34
C ASP A 168 -13.38 -6.23 -5.40
N PHE A 169 -13.61 -5.64 -4.23
CA PHE A 169 -12.54 -5.47 -3.25
C PHE A 169 -12.05 -6.83 -2.81
N ARG A 170 -12.97 -7.77 -2.60
CA ARG A 170 -12.62 -9.11 -2.15
C ARG A 170 -11.80 -9.88 -3.18
N GLU A 171 -12.08 -9.68 -4.46
CA GLU A 171 -11.31 -10.36 -5.50
C GLU A 171 -9.87 -9.86 -5.47
N ALA A 172 -9.73 -8.55 -5.35
CA ALA A 172 -8.40 -7.92 -5.29
C ALA A 172 -7.67 -8.34 -4.02
N ALA A 173 -8.40 -8.52 -2.92
CA ALA A 173 -7.80 -8.90 -1.65
C ALA A 173 -7.30 -10.36 -1.67
N GLU A 174 -8.04 -11.23 -2.33
CA GLU A 174 -7.63 -12.63 -2.42
C GLU A 174 -6.37 -12.73 -3.27
N ALA A 175 -6.26 -11.87 -4.28
CA ALA A 175 -5.07 -11.87 -5.12
C ALA A 175 -3.89 -11.39 -4.27
N HIS A 176 -4.14 -10.38 -3.44
CA HIS A 176 -3.09 -9.83 -2.58
C HIS A 176 -2.61 -10.90 -1.59
N ARG A 177 -3.56 -11.61 -0.99
CA ARG A 177 -3.22 -12.68 -0.03
C ARG A 177 -2.38 -13.77 -0.66
N GLN A 178 -2.76 -14.21 -1.86
CA GLN A 178 -2.02 -15.28 -2.53
C GLN A 178 -0.66 -14.83 -3.05
N VAL A 179 -0.56 -13.58 -3.50
CA VAL A 179 0.72 -13.07 -3.98
C VAL A 179 1.71 -12.94 -2.84
N ARG A 180 1.27 -12.36 -1.71
CA ARG A 180 2.19 -12.17 -0.59
C ARG A 180 2.62 -13.48 0.06
N LYS A 181 1.76 -14.50 0.01
CA LYS A 181 2.09 -15.81 0.58
C LYS A 181 3.23 -16.39 -0.25
N TYR A 182 3.14 -16.20 -1.56
CA TYR A 182 4.16 -16.67 -2.50
C TYR A 182 5.47 -15.92 -2.26
N VAL A 183 5.38 -14.60 -2.15
CA VAL A 183 6.56 -13.79 -1.91
C VAL A 183 7.31 -14.20 -0.65
N MET A 184 6.57 -14.44 0.43
CA MET A 184 7.19 -14.83 1.70
C MET A 184 7.94 -16.15 1.60
N SER A 185 7.56 -16.99 0.65
CA SER A 185 8.23 -18.28 0.50
C SER A 185 9.59 -18.20 -0.18
N TRP A 186 9.82 -17.19 -1.02
CA TRP A 186 11.09 -17.09 -1.70
C TRP A 186 11.95 -15.84 -1.49
N ILE A 187 11.40 -14.79 -0.89
CA ILE A 187 12.21 -13.59 -0.70
C ILE A 187 13.37 -13.89 0.24
N LYS A 188 14.59 -13.63 -0.23
CA LYS A 188 15.79 -13.90 0.56
C LYS A 188 16.92 -12.93 0.28
N PRO A 189 17.83 -12.75 1.25
CA PRO A 189 18.94 -11.84 1.00
C PRO A 189 19.75 -12.44 -0.15
N GLY A 190 20.37 -11.59 -0.96
CA GLY A 190 21.11 -12.07 -2.11
C GLY A 190 20.39 -11.67 -3.38
N MET A 191 19.07 -11.59 -3.33
CA MET A 191 18.28 -11.19 -4.50
C MET A 191 18.37 -9.67 -4.64
N THR A 192 18.36 -9.15 -5.87
CA THR A 192 18.39 -7.70 -6.04
C THR A 192 16.97 -7.24 -5.82
N MET A 193 16.81 -5.96 -5.50
CA MET A 193 15.46 -5.42 -5.27
C MET A 193 14.67 -5.50 -6.56
N ILE A 194 15.34 -5.35 -7.71
CA ILE A 194 14.65 -5.43 -8.98
C ILE A 194 14.09 -6.84 -9.21
N GLU A 195 14.89 -7.86 -8.91
CA GLU A 195 14.45 -9.24 -9.09
C GLU A 195 13.25 -9.53 -8.19
N ILE A 196 13.25 -8.98 -6.99
CA ILE A 196 12.15 -9.19 -6.06
C ILE A 196 10.86 -8.55 -6.58
N CYS A 197 10.94 -7.29 -6.98
CA CYS A 197 9.77 -6.58 -7.48
C CYS A 197 9.21 -7.17 -8.76
N GLU A 198 10.09 -7.59 -9.67
CA GLU A 198 9.63 -8.16 -10.94
C GLU A 198 8.94 -9.51 -10.74
N LYS A 199 9.45 -10.30 -9.79
CA LYS A 199 8.88 -11.61 -9.51
C LYS A 199 7.51 -11.46 -8.83
N LEU A 200 7.40 -10.48 -7.94
CA LEU A 200 6.15 -10.23 -7.24
C LEU A 200 5.12 -9.70 -8.24
N GLU A 201 5.51 -8.66 -8.99
CA GLU A 201 4.61 -8.05 -9.96
C GLU A 201 4.14 -9.02 -11.06
N ASP A 202 5.00 -9.94 -11.47
CA ASP A 202 4.59 -10.90 -12.50
C ASP A 202 3.45 -11.75 -11.96
N CYS A 203 3.59 -12.19 -10.72
CA CYS A 203 2.57 -13.02 -10.09
C CYS A 203 1.28 -12.23 -9.88
N SER A 204 1.42 -10.98 -9.47
CA SER A 204 0.27 -10.14 -9.22
C SER A 204 -0.54 -9.94 -10.51
N ARG A 205 0.15 -9.67 -11.62
CA ARG A 205 -0.53 -9.48 -12.89
C ARG A 205 -1.29 -10.74 -13.30
N LYS A 206 -0.73 -11.90 -13.04
CA LYS A 206 -1.39 -13.14 -13.42
C LYS A 206 -2.61 -13.50 -12.57
N LEU A 207 -2.51 -13.30 -11.26
CA LEU A 207 -3.62 -13.62 -10.36
C LEU A 207 -4.76 -12.62 -10.43
N ILE A 208 -4.45 -11.35 -10.69
CA ILE A 208 -5.50 -10.32 -10.78
C ILE A 208 -6.08 -10.34 -12.19
N LYS A 209 -5.41 -11.05 -13.08
CA LYS A 209 -5.80 -11.14 -14.49
C LYS A 209 -5.87 -9.74 -15.08
N GLU A 210 -4.71 -9.10 -15.12
CA GLU A 210 -4.58 -7.74 -15.62
C GLU A 210 -5.34 -7.51 -16.92
N ASN A 211 -6.13 -6.44 -16.94
CA ASN A 211 -6.92 -6.07 -18.10
C ASN A 211 -7.09 -4.56 -18.14
N GLY A 212 -6.05 -3.87 -18.61
CA GLY A 212 -6.10 -2.43 -18.69
C GLY A 212 -6.46 -1.80 -17.35
N LEU A 213 -7.36 -0.83 -17.40
CA LEU A 213 -7.80 -0.14 -16.17
C LEU A 213 -8.92 -0.87 -15.45
N ASN A 214 -9.36 -2.00 -16.00
CA ASN A 214 -10.43 -2.78 -15.40
C ASN A 214 -9.97 -3.75 -14.32
N ALA A 215 -8.69 -4.12 -14.36
CA ALA A 215 -8.10 -5.02 -13.38
C ALA A 215 -6.58 -4.91 -13.50
N GLY A 216 -5.88 -4.77 -12.40
CA GLY A 216 -4.43 -4.67 -12.48
C GLY A 216 -3.73 -4.32 -11.19
N LEU A 217 -2.52 -3.77 -11.31
CA LEU A 217 -1.73 -3.38 -10.15
C LEU A 217 -2.13 -1.95 -9.79
N ALA A 218 -2.54 -1.73 -8.54
CA ALA A 218 -2.98 -0.41 -8.11
C ALA A 218 -1.84 0.61 -7.96
N PHE A 219 -0.66 0.13 -7.61
CA PHE A 219 0.50 1.00 -7.45
C PHE A 219 1.77 0.16 -7.41
N PRO A 220 2.94 0.80 -7.58
CA PRO A 220 4.23 0.11 -7.57
C PRO A 220 4.55 -0.67 -6.30
N THR A 221 5.40 -1.68 -6.42
CA THR A 221 5.80 -2.49 -5.28
C THR A 221 6.81 -1.77 -4.40
N GLY A 222 6.35 -1.29 -3.26
CA GLY A 222 7.27 -0.63 -2.34
C GLY A 222 8.09 -1.73 -1.68
N CYS A 223 9.38 -1.49 -1.50
CA CYS A 223 10.26 -2.46 -0.85
C CYS A 223 11.32 -1.67 -0.08
N SER A 224 10.86 -0.56 0.51
CA SER A 224 11.71 0.34 1.28
C SER A 224 12.56 -0.35 2.34
N LEU A 225 13.83 0.02 2.38
CA LEU A 225 14.79 -0.60 3.29
C LEU A 225 15.34 0.22 4.45
N ASN A 226 15.43 -0.45 5.60
CA ASN A 226 16.00 0.10 6.82
C ASN A 226 15.45 1.44 7.30
N ASN A 227 16.25 2.51 7.20
CA ASN A 227 15.76 3.81 7.64
C ASN A 227 14.70 4.35 6.68
N CYS A 228 14.64 3.82 5.47
CA CYS A 228 13.64 4.29 4.51
C CYS A 228 12.38 3.47 4.81
N ALA A 229 11.32 4.21 5.11
CA ALA A 229 10.01 3.68 5.47
C ALA A 229 9.00 3.46 4.36
N ALA A 230 9.04 4.26 3.31
CA ALA A 230 8.06 4.09 2.25
C ALA A 230 8.41 4.77 0.93
N HIS A 231 7.66 4.39 -0.10
CA HIS A 231 7.78 4.95 -1.44
C HIS A 231 9.05 4.68 -2.22
N TYR A 232 9.76 3.62 -1.87
CA TYR A 232 10.95 3.26 -2.63
C TYR A 232 10.70 1.98 -3.41
N THR A 233 11.04 2.03 -4.70
CA THR A 233 11.01 0.85 -5.56
C THR A 233 12.18 1.14 -6.49
N PRO A 234 12.92 0.11 -6.90
CA PRO A 234 14.05 0.38 -7.79
C PRO A 234 13.71 0.87 -9.20
N ASN A 235 14.58 1.73 -9.72
CA ASN A 235 14.46 2.21 -11.10
C ASN A 235 15.44 1.33 -11.87
N ALA A 236 15.39 1.37 -13.19
CA ALA A 236 16.31 0.56 -13.98
C ALA A 236 17.75 0.89 -13.59
N GLY A 237 18.60 -0.14 -13.52
CA GLY A 237 19.99 0.08 -13.17
C GLY A 237 20.35 -0.01 -11.70
N ASP A 238 19.33 0.01 -10.83
CA ASP A 238 19.56 -0.06 -9.39
C ASP A 238 20.21 -1.41 -9.07
N THR A 239 21.39 -1.37 -8.47
CA THR A 239 22.12 -2.60 -8.14
C THR A 239 21.92 -3.06 -6.69
N THR A 240 21.05 -2.38 -5.96
CA THR A 240 20.80 -2.72 -4.56
C THR A 240 20.42 -4.18 -4.35
N VAL A 241 21.08 -4.82 -3.39
CA VAL A 241 20.86 -6.22 -3.06
C VAL A 241 20.33 -6.34 -1.63
N LEU A 242 19.29 -7.15 -1.43
CA LEU A 242 18.71 -7.36 -0.10
C LEU A 242 19.74 -8.07 0.79
N GLN A 243 19.93 -7.54 1.99
CA GLN A 243 20.89 -8.09 2.95
C GLN A 243 20.24 -8.81 4.12
N TYR A 244 21.01 -9.65 4.81
CA TYR A 244 20.53 -10.41 5.95
C TYR A 244 19.98 -9.51 7.07
N ASP A 245 20.67 -8.40 7.33
CA ASP A 245 20.24 -7.48 8.38
C ASP A 245 19.25 -6.40 7.93
N ASP A 246 18.76 -6.49 6.70
CA ASP A 246 17.81 -5.49 6.22
C ASP A 246 16.41 -5.69 6.77
N ILE A 247 15.67 -4.58 6.92
CA ILE A 247 14.28 -4.63 7.36
C ILE A 247 13.55 -3.99 6.17
N CYS A 248 12.83 -4.83 5.43
CA CYS A 248 12.16 -4.44 4.20
C CYS A 248 10.62 -4.36 4.24
N LYS A 249 10.08 -3.20 3.89
CA LYS A 249 8.63 -3.02 3.88
C LYS A 249 8.05 -3.30 2.50
N ILE A 250 7.36 -4.43 2.35
CA ILE A 250 6.71 -4.81 1.10
C ILE A 250 5.30 -4.24 1.13
N ASP A 251 5.08 -3.21 0.33
CA ASP A 251 3.79 -2.52 0.26
C ASP A 251 3.36 -2.49 -1.20
N PHE A 252 2.39 -3.33 -1.57
CA PHE A 252 1.93 -3.37 -2.95
C PHE A 252 0.41 -3.40 -3.01
N GLY A 253 -0.14 -3.04 -4.17
CA GLY A 253 -1.59 -3.03 -4.28
C GLY A 253 -2.17 -3.66 -5.52
N THR A 254 -3.42 -4.08 -5.40
CA THR A 254 -4.16 -4.70 -6.49
C THR A 254 -5.50 -4.00 -6.58
N HIS A 255 -6.19 -4.14 -7.71
CA HIS A 255 -7.49 -3.53 -7.85
C HIS A 255 -8.33 -4.19 -8.91
N ILE A 256 -9.65 -4.09 -8.72
CA ILE A 256 -10.62 -4.60 -9.67
C ILE A 256 -11.55 -3.41 -9.86
N SER A 257 -11.69 -2.94 -11.10
CA SER A 257 -12.56 -1.81 -11.40
C SER A 257 -12.27 -0.59 -10.53
N GLY A 258 -11.00 -0.38 -10.20
CA GLY A 258 -10.66 0.77 -9.39
C GLY A 258 -10.87 0.62 -7.88
N ARG A 259 -11.30 -0.56 -7.46
CA ARG A 259 -11.50 -0.82 -6.03
C ARG A 259 -10.13 -1.34 -5.59
N ILE A 260 -9.41 -0.46 -4.91
CA ILE A 260 -8.03 -0.70 -4.46
C ILE A 260 -7.78 -1.37 -3.11
N ILE A 261 -6.83 -2.30 -3.09
CA ILE A 261 -6.42 -2.97 -1.87
C ILE A 261 -5.01 -2.44 -1.59
N ASP A 262 -4.85 -1.70 -0.50
CA ASP A 262 -3.57 -1.14 -0.08
C ASP A 262 -3.25 -1.96 1.16
N CYS A 263 -2.24 -2.83 1.04
CA CYS A 263 -1.90 -3.73 2.14
C CYS A 263 -0.39 -3.96 2.18
N ALA A 264 0.20 -3.99 3.38
CA ALA A 264 1.65 -4.14 3.51
C ALA A 264 2.12 -4.87 4.76
N PHE A 265 3.33 -5.41 4.66
CA PHE A 265 3.96 -6.13 5.78
C PHE A 265 5.46 -5.89 5.75
N THR A 266 6.15 -6.29 6.83
CA THR A 266 7.58 -6.09 6.90
C THR A 266 8.31 -7.42 6.92
N VAL A 267 9.38 -7.49 6.11
CA VAL A 267 10.21 -8.68 5.98
C VAL A 267 11.56 -8.50 6.65
N THR A 268 11.98 -9.52 7.42
CA THR A 268 13.26 -9.52 8.10
C THR A 268 13.80 -10.94 8.10
N PHE A 269 15.09 -11.08 8.39
CA PHE A 269 15.74 -12.39 8.45
C PHE A 269 16.49 -12.55 9.77
N ASN A 270 16.79 -11.42 10.41
CA ASN A 270 17.48 -11.41 11.69
C ASN A 270 16.44 -11.22 12.80
N PRO A 271 16.39 -12.14 13.78
CA PRO A 271 15.46 -12.11 14.91
C PRO A 271 15.53 -10.84 15.77
N LYS A 272 16.62 -10.09 15.64
CA LYS A 272 16.77 -8.88 16.46
C LYS A 272 15.67 -7.84 16.25
N TYR A 273 14.95 -7.91 15.13
CA TYR A 273 13.88 -6.96 14.86
C TYR A 273 12.51 -7.46 15.29
N ASP A 274 12.44 -8.69 15.81
CA ASP A 274 11.15 -9.28 16.19
C ASP A 274 10.24 -8.40 17.04
N THR A 275 10.78 -7.77 18.08
CA THR A 275 9.94 -6.94 18.95
C THR A 275 9.47 -5.66 18.25
N LEU A 276 10.29 -5.12 17.37
CA LEU A 276 9.91 -3.90 16.64
C LEU A 276 8.74 -4.24 15.72
N LEU A 277 8.82 -5.41 15.08
CA LEU A 277 7.76 -5.85 14.19
C LEU A 277 6.48 -6.09 14.98
N LYS A 278 6.61 -6.65 16.18
CA LYS A 278 5.44 -6.92 16.99
C LYS A 278 4.78 -5.61 17.42
N ALA A 279 5.61 -4.62 17.73
CA ALA A 279 5.10 -3.31 18.14
C ALA A 279 4.19 -2.72 17.08
N VAL A 280 4.66 -2.72 15.85
CA VAL A 280 3.91 -2.16 14.73
C VAL A 280 2.67 -2.98 14.39
N LYS A 281 2.76 -4.31 14.52
CA LYS A 281 1.61 -5.17 14.24
C LYS A 281 0.49 -4.85 15.24
N ASP A 282 0.86 -4.73 16.51
CA ASP A 282 -0.10 -4.42 17.57
C ASP A 282 -0.68 -3.03 17.35
N ALA A 283 0.15 -2.08 16.96
CA ALA A 283 -0.32 -0.72 16.73
C ALA A 283 -1.31 -0.67 15.56
N THR A 284 -1.01 -1.39 14.48
CA THR A 284 -1.89 -1.41 13.33
C THR A 284 -3.22 -2.08 13.67
N ASN A 285 -3.18 -3.18 14.40
CA ASN A 285 -4.40 -3.86 14.77
C ASN A 285 -5.24 -3.03 15.73
N THR A 286 -4.58 -2.21 16.54
CA THR A 286 -5.28 -1.34 17.48
C THR A 286 -6.01 -0.28 16.66
N GLY A 287 -5.35 0.23 15.63
CA GLY A 287 -5.99 1.23 14.79
C GLY A 287 -7.17 0.63 14.06
N ILE A 288 -7.04 -0.62 13.67
CA ILE A 288 -8.10 -1.33 12.97
C ILE A 288 -9.30 -1.57 13.89
N LYS A 289 -9.01 -1.92 15.14
CA LYS A 289 -10.09 -2.17 16.09
C LYS A 289 -10.82 -0.90 16.48
N CYS A 290 -10.09 0.21 16.60
CA CYS A 290 -10.69 1.48 16.99
C CYS A 290 -11.52 2.13 15.87
N ALA A 291 -11.19 1.81 14.62
CA ALA A 291 -11.90 2.38 13.48
C ALA A 291 -13.38 1.99 13.43
N GLY A 292 -14.21 2.89 12.89
CA GLY A 292 -15.63 2.62 12.81
C GLY A 292 -16.43 3.84 12.41
N ILE A 293 -17.70 3.61 12.09
CA ILE A 293 -18.58 4.71 11.69
C ILE A 293 -18.77 5.68 12.86
N ASP A 294 -18.68 6.97 12.56
CA ASP A 294 -18.82 8.04 13.55
C ASP A 294 -17.62 8.18 14.48
N VAL A 295 -16.56 7.42 14.23
CA VAL A 295 -15.36 7.49 15.05
C VAL A 295 -14.52 8.68 14.58
N ARG A 296 -13.97 9.43 15.53
CA ARG A 296 -13.14 10.58 15.20
C ARG A 296 -11.75 10.12 14.79
N LEU A 297 -11.24 10.65 13.68
CA LEU A 297 -9.92 10.26 13.19
C LEU A 297 -8.81 10.52 14.20
N CYS A 298 -8.91 11.60 14.95
CA CYS A 298 -7.90 11.93 15.94
C CYS A 298 -7.84 10.90 17.07
N ASP A 299 -8.96 10.24 17.34
CA ASP A 299 -9.00 9.23 18.40
C ASP A 299 -8.26 7.98 17.95
N VAL A 300 -8.36 7.66 16.66
CA VAL A 300 -7.66 6.49 16.13
C VAL A 300 -6.16 6.72 16.24
N GLY A 301 -5.72 7.91 15.85
CA GLY A 301 -4.31 8.23 15.94
C GLY A 301 -3.78 8.18 17.36
N GLU A 302 -4.54 8.72 18.30
CA GLU A 302 -4.13 8.72 19.70
C GLU A 302 -4.02 7.30 20.23
N ALA A 303 -4.97 6.44 19.83
CA ALA A 303 -4.98 5.04 20.27
C ALA A 303 -3.79 4.27 19.72
N ILE A 304 -3.49 4.50 18.44
CA ILE A 304 -2.37 3.84 17.77
C ILE A 304 -1.06 4.20 18.45
N GLN A 305 -0.88 5.47 18.77
CA GLN A 305 0.33 5.96 19.40
C GLN A 305 0.56 5.38 20.80
N GLU A 306 -0.49 5.29 21.63
CA GLU A 306 -0.26 4.76 22.96
C GLU A 306 0.17 3.30 22.95
N VAL A 307 -0.34 2.53 22.00
CA VAL A 307 0.06 1.13 21.89
C VAL A 307 1.48 1.05 21.36
N MET A 308 1.76 1.81 20.30
CA MET A 308 3.09 1.82 19.69
C MET A 308 4.18 2.18 20.68
N GLU A 309 3.97 3.25 21.44
CA GLU A 309 4.96 3.72 22.39
C GLU A 309 5.07 2.88 23.66
N SER A 310 4.18 1.90 23.83
CA SER A 310 4.23 1.05 25.01
C SER A 310 5.29 -0.04 24.81
N TYR A 311 5.91 -0.04 23.62
CA TYR A 311 6.93 -1.03 23.31
C TYR A 311 8.35 -0.47 23.38
N GLU A 312 9.26 -1.26 23.95
CA GLU A 312 10.66 -0.89 24.02
C GLU A 312 11.39 -2.06 23.36
N VAL A 313 12.43 -1.76 22.60
CA VAL A 313 13.16 -2.82 21.92
C VAL A 313 14.66 -2.65 22.10
N GLU A 314 15.39 -3.75 21.92
CA GLU A 314 16.84 -3.71 22.03
C GLU A 314 17.41 -4.27 20.73
N ILE A 315 18.25 -3.49 20.07
CA ILE A 315 18.85 -3.91 18.82
C ILE A 315 20.33 -3.57 18.83
N ASP A 316 21.16 -4.60 18.72
CA ASP A 316 22.61 -4.44 18.71
C ASP A 316 23.15 -3.67 19.91
N GLY A 317 22.68 -4.04 21.11
CA GLY A 317 23.15 -3.40 22.32
C GLY A 317 22.49 -2.10 22.76
N LYS A 318 21.70 -1.48 21.88
CA LYS A 318 21.04 -0.23 22.25
C LYS A 318 19.53 -0.40 22.40
N THR A 319 18.95 0.28 23.37
CA THR A 319 17.52 0.19 23.60
C THR A 319 16.80 1.41 23.03
N TYR A 320 15.57 1.20 22.59
CA TYR A 320 14.77 2.28 22.03
C TYR A 320 13.30 2.16 22.43
N GLN A 321 12.63 3.29 22.53
CA GLN A 321 11.19 3.29 22.82
C GLN A 321 10.62 3.44 21.42
N VAL A 322 9.85 2.46 20.94
CA VAL A 322 9.30 2.56 19.59
C VAL A 322 8.50 3.86 19.43
N LYS A 323 8.71 4.51 18.30
CA LYS A 323 8.10 5.81 18.02
C LYS A 323 7.31 5.81 16.70
N PRO A 324 6.06 6.31 16.71
CA PRO A 324 5.31 6.32 15.45
C PRO A 324 5.93 7.38 14.54
N ILE A 325 5.92 7.15 13.23
CA ILE A 325 6.47 8.16 12.34
C ILE A 325 5.31 9.14 12.17
N ARG A 326 5.39 10.25 12.91
CA ARG A 326 4.33 11.25 12.93
C ARG A 326 3.85 11.87 11.64
N ASN A 327 4.70 11.96 10.61
CA ASN A 327 4.25 12.55 9.36
C ASN A 327 3.89 11.56 8.26
N LEU A 328 3.53 10.34 8.67
CA LEU A 328 3.08 9.29 7.76
C LEU A 328 1.70 8.90 8.26
N ASN A 329 0.75 8.67 7.36
CA ASN A 329 -0.60 8.35 7.80
C ASN A 329 -1.36 7.33 6.97
N GLY A 330 -2.50 6.93 7.53
CA GLY A 330 -3.42 6.02 6.86
C GLY A 330 -4.29 6.97 6.05
N HIS A 331 -5.29 6.46 5.35
CA HIS A 331 -6.09 7.33 4.51
C HIS A 331 -7.35 6.69 3.98
N SER A 332 -8.28 7.53 3.54
CA SER A 332 -9.51 7.01 2.95
C SER A 332 -9.11 6.65 1.52
N ILE A 333 -9.88 5.75 0.93
CA ILE A 333 -9.64 5.27 -0.43
C ILE A 333 -10.90 5.47 -1.27
N GLY A 334 -10.70 5.88 -2.52
CA GLY A 334 -11.81 6.10 -3.44
C GLY A 334 -11.55 5.36 -4.74
N GLN A 335 -12.56 5.27 -5.61
CA GLN A 335 -12.37 4.56 -6.86
C GLN A 335 -11.26 5.20 -7.69
N TYR A 336 -10.22 4.39 -7.96
CA TYR A 336 -9.05 4.83 -8.72
C TYR A 336 -8.29 5.96 -8.02
N ARG A 337 -8.60 6.17 -6.73
CA ARG A 337 -7.94 7.22 -5.95
C ARG A 337 -7.43 6.67 -4.63
N ILE A 338 -6.16 6.30 -4.60
CA ILE A 338 -5.53 5.73 -3.42
C ILE A 338 -5.64 6.62 -2.18
N HIS A 339 -5.55 7.93 -2.38
CA HIS A 339 -5.65 8.91 -1.30
C HIS A 339 -6.87 9.77 -1.60
N ALA A 340 -8.03 9.30 -1.14
CA ALA A 340 -9.31 9.97 -1.39
C ALA A 340 -9.55 11.35 -0.77
N GLY A 341 -8.86 11.69 0.31
CA GLY A 341 -9.07 13.00 0.91
C GLY A 341 -8.98 13.10 2.41
N LYS A 342 -9.29 12.00 3.11
CA LYS A 342 -9.20 11.97 4.56
C LYS A 342 -7.94 11.25 4.98
N THR A 343 -7.45 11.61 6.16
CA THR A 343 -6.19 11.11 6.68
C THR A 343 -6.41 10.43 8.03
N VAL A 344 -5.71 9.33 8.27
CA VAL A 344 -5.81 8.64 9.55
C VAL A 344 -4.43 8.78 10.18
N PRO A 345 -4.28 9.70 11.14
CA PRO A 345 -2.99 9.90 11.80
C PRO A 345 -2.57 8.73 12.69
N ILE A 346 -1.29 8.68 13.03
CA ILE A 346 -0.82 7.62 13.91
C ILE A 346 -0.24 8.19 15.19
N ILE A 347 -0.58 9.45 15.47
CA ILE A 347 -0.18 10.13 16.70
C ILE A 347 -1.37 11.00 17.09
N LYS A 348 -1.37 11.49 18.32
CA LYS A 348 -2.45 12.34 18.80
C LYS A 348 -2.33 13.75 18.24
N GLY A 349 -3.39 14.53 18.41
CA GLY A 349 -3.40 15.91 17.94
C GLY A 349 -3.99 16.14 16.56
N GLY A 350 -4.61 15.12 16.00
CA GLY A 350 -5.20 15.24 14.68
C GLY A 350 -6.53 15.98 14.61
N GLU A 351 -7.25 15.78 13.51
CA GLU A 351 -8.55 16.41 13.30
C GLU A 351 -9.67 15.54 13.86
N ALA A 352 -10.73 16.18 14.36
CA ALA A 352 -11.85 15.46 14.94
C ALA A 352 -12.85 15.01 13.87
N THR A 353 -12.46 15.11 12.60
CA THR A 353 -13.33 14.67 11.52
C THR A 353 -13.69 13.21 11.81
N ARG A 354 -14.90 12.81 11.44
CA ARG A 354 -15.35 11.45 11.69
C ARG A 354 -15.39 10.55 10.46
N MET A 355 -15.29 9.24 10.68
CA MET A 355 -15.36 8.25 9.61
C MET A 355 -16.84 8.05 9.32
N GLU A 356 -17.18 7.84 8.05
CA GLU A 356 -18.58 7.68 7.67
C GLU A 356 -18.92 6.32 7.06
N GLU A 357 -20.20 5.98 7.11
CA GLU A 357 -20.66 4.72 6.56
C GLU A 357 -20.40 4.66 5.06
N GLY A 358 -19.92 3.52 4.59
CA GLY A 358 -19.65 3.36 3.17
C GLY A 358 -18.24 3.71 2.76
N GLU A 359 -17.50 4.36 3.63
CA GLU A 359 -16.12 4.73 3.31
C GLU A 359 -15.20 3.52 3.42
N VAL A 360 -14.05 3.62 2.75
CA VAL A 360 -13.05 2.57 2.76
C VAL A 360 -11.76 3.22 3.24
N TYR A 361 -11.06 2.56 4.15
CA TYR A 361 -9.82 3.12 4.68
C TYR A 361 -8.63 2.18 4.65
N ALA A 362 -7.46 2.78 4.56
CA ALA A 362 -6.21 2.03 4.61
C ALA A 362 -5.69 2.41 6.00
N ILE A 363 -5.60 1.43 6.89
CA ILE A 363 -5.10 1.68 8.22
C ILE A 363 -3.67 1.16 8.21
N GLU A 364 -2.71 2.06 8.26
CA GLU A 364 -1.30 1.67 8.25
C GLU A 364 -0.55 2.44 9.32
N THR A 365 0.41 1.78 9.95
CA THR A 365 1.22 2.45 10.96
C THR A 365 2.68 2.14 10.68
N PHE A 366 3.54 3.07 11.11
CA PHE A 366 4.98 2.92 10.96
C PHE A 366 5.66 3.17 12.30
N GLY A 367 6.59 2.30 12.67
CA GLY A 367 7.32 2.45 13.91
C GLY A 367 8.77 2.70 13.56
N SER A 368 9.48 3.50 14.36
CA SER A 368 10.87 3.81 14.07
C SER A 368 11.75 3.93 15.30
N THR A 369 13.03 3.60 15.14
CA THR A 369 13.99 3.73 16.23
C THR A 369 14.75 5.05 16.07
N GLY A 370 14.38 5.81 15.04
CA GLY A 370 15.04 7.08 14.78
C GLY A 370 14.36 8.29 15.39
N LYS A 371 14.18 9.34 14.59
CA LYS A 371 13.54 10.57 15.04
C LYS A 371 12.02 10.49 15.01
N GLY A 372 11.48 9.53 14.27
CA GLY A 372 10.04 9.41 14.18
C GLY A 372 9.47 10.40 13.18
N VAL A 373 10.31 10.78 12.21
CA VAL A 373 9.90 11.71 11.16
C VAL A 373 10.66 11.35 9.89
N VAL A 374 10.00 11.44 8.74
CA VAL A 374 10.65 11.14 7.47
C VAL A 374 10.80 12.36 6.59
N HIS A 375 11.80 12.30 5.71
CA HIS A 375 12.08 13.38 4.76
C HIS A 375 12.34 12.74 3.40
N ASP A 376 12.18 13.51 2.33
CA ASP A 376 12.43 12.99 0.99
C ASP A 376 13.92 12.65 0.85
N ASP A 377 14.22 11.52 0.23
CA ASP A 377 15.61 11.12 0.04
C ASP A 377 15.73 10.13 -1.10
N MET A 378 16.89 10.14 -1.74
CA MET A 378 17.20 9.26 -2.87
C MET A 378 16.44 9.63 -4.14
N GLU A 379 16.71 8.90 -5.22
CA GLU A 379 16.09 9.13 -6.51
C GLU A 379 14.61 8.75 -6.48
N CYS A 380 13.78 9.51 -7.19
CA CYS A 380 12.35 9.23 -7.24
C CYS A 380 12.01 8.13 -8.24
N SER A 381 11.06 7.28 -7.88
CA SER A 381 10.62 6.19 -8.75
C SER A 381 9.10 6.18 -8.91
N HIS A 382 8.39 6.69 -7.91
CA HIS A 382 6.92 6.73 -7.89
C HIS A 382 6.34 8.05 -8.40
N TYR A 383 5.29 7.96 -9.22
CA TYR A 383 4.60 9.13 -9.77
C TYR A 383 3.12 8.82 -9.87
N MET A 384 2.28 9.85 -9.82
CA MET A 384 0.84 9.65 -9.95
C MET A 384 0.17 10.94 -10.41
N LYS A 385 -0.70 10.83 -11.40
CA LYS A 385 -1.42 11.98 -11.92
C LYS A 385 -2.28 12.60 -10.82
N ASN A 386 -2.34 13.93 -10.79
CA ASN A 386 -3.15 14.63 -9.79
C ASN A 386 -4.60 14.41 -10.18
N PHE A 387 -5.35 13.77 -9.30
CA PHE A 387 -6.76 13.44 -9.54
C PHE A 387 -7.66 14.63 -9.86
N ASP A 388 -7.36 15.78 -9.27
CA ASP A 388 -8.18 16.97 -9.50
C ASP A 388 -7.89 17.74 -10.77
N VAL A 389 -6.74 17.49 -11.39
CA VAL A 389 -6.39 18.19 -12.62
C VAL A 389 -7.15 17.58 -13.79
N GLY A 390 -7.88 18.42 -14.52
CA GLY A 390 -8.63 17.94 -15.66
C GLY A 390 -7.82 17.86 -16.93
N HIS A 391 -8.48 17.62 -18.06
CA HIS A 391 -7.81 17.51 -19.35
C HIS A 391 -6.94 18.74 -19.62
N VAL A 392 -5.74 18.49 -20.12
CA VAL A 392 -4.81 19.55 -20.44
C VAL A 392 -4.23 19.32 -21.84
N PRO A 393 -4.54 20.21 -22.79
CA PRO A 393 -4.01 20.04 -24.14
C PRO A 393 -2.50 20.29 -24.14
N ILE A 394 -1.75 19.38 -24.75
CA ILE A 394 -0.30 19.54 -24.82
C ILE A 394 0.18 19.37 -26.25
N ARG A 395 0.93 20.36 -26.74
CA ARG A 395 1.45 20.28 -28.09
C ARG A 395 2.88 19.74 -28.14
N LEU A 396 3.64 19.93 -27.06
CA LEU A 396 5.01 19.41 -26.98
C LEU A 396 4.88 17.91 -27.27
N PRO A 397 5.45 17.43 -28.39
CA PRO A 397 5.38 16.03 -28.82
C PRO A 397 5.72 14.91 -27.83
N ARG A 398 6.92 14.92 -27.27
CA ARG A 398 7.29 13.85 -26.33
C ARG A 398 6.48 13.91 -25.04
N THR A 399 6.20 15.11 -24.56
CA THR A 399 5.43 15.30 -23.33
C THR A 399 3.99 14.86 -23.58
N LYS A 400 3.46 15.20 -24.74
CA LYS A 400 2.10 14.82 -25.12
C LYS A 400 1.97 13.31 -25.18
N HIS A 401 2.93 12.65 -25.82
CA HIS A 401 2.90 11.20 -25.93
C HIS A 401 2.94 10.51 -24.58
N LEU A 402 3.83 10.97 -23.70
CA LEU A 402 3.95 10.37 -22.38
C LEU A 402 2.65 10.50 -21.60
N LEU A 403 2.03 11.69 -21.63
CA LEU A 403 0.78 11.87 -20.91
C LEU A 403 -0.28 10.92 -21.46
N ASN A 404 -0.28 10.72 -22.77
CA ASN A 404 -1.25 9.81 -23.36
C ASN A 404 -1.01 8.39 -22.87
N VAL A 405 0.26 8.00 -22.78
CA VAL A 405 0.62 6.67 -22.29
C VAL A 405 0.15 6.51 -20.85
N ILE A 406 0.32 7.56 -20.05
CA ILE A 406 -0.11 7.51 -18.65
C ILE A 406 -1.63 7.40 -18.55
N ASN A 407 -2.35 8.20 -19.33
CA ASN A 407 -3.81 8.17 -19.29
C ASN A 407 -4.36 6.82 -19.71
N GLU A 408 -3.73 6.20 -20.71
CA GLU A 408 -4.16 4.91 -21.23
C GLU A 408 -3.89 3.73 -20.30
N ASN A 409 -2.70 3.72 -19.71
CA ASN A 409 -2.26 2.63 -18.86
C ASN A 409 -2.46 2.75 -17.36
N PHE A 410 -2.48 3.98 -16.84
CA PHE A 410 -2.61 4.17 -15.40
C PHE A 410 -3.76 5.05 -14.93
N GLY A 411 -4.18 6.00 -15.76
CA GLY A 411 -5.25 6.90 -15.33
C GLY A 411 -4.76 7.65 -14.11
N THR A 412 -5.53 7.61 -13.02
CA THR A 412 -5.13 8.29 -11.79
C THR A 412 -4.44 7.36 -10.80
N LEU A 413 -4.11 6.15 -11.25
CA LEU A 413 -3.43 5.17 -10.40
C LEU A 413 -1.93 5.46 -10.47
N ALA A 414 -1.19 5.15 -9.41
CA ALA A 414 0.23 5.41 -9.40
C ALA A 414 1.02 4.45 -10.27
N PHE A 415 2.18 4.89 -10.74
CA PHE A 415 3.06 4.08 -11.55
C PHE A 415 4.51 4.38 -11.18
N CYS A 416 5.45 3.70 -11.82
CA CYS A 416 6.87 3.92 -11.56
C CYS A 416 7.63 3.88 -12.88
N ARG A 417 8.90 4.27 -12.86
CA ARG A 417 9.71 4.26 -14.07
C ARG A 417 9.84 2.89 -14.71
N ARG A 418 10.00 1.84 -13.91
CA ARG A 418 10.14 0.50 -14.47
C ARG A 418 8.92 0.13 -15.31
N TRP A 419 7.76 0.65 -14.92
CA TRP A 419 6.53 0.36 -15.66
C TRP A 419 6.49 1.10 -17.00
N LEU A 420 7.20 2.21 -17.10
CA LEU A 420 7.25 2.93 -18.36
C LEU A 420 8.24 2.20 -19.27
N ASP A 421 9.34 1.71 -18.70
CA ASP A 421 10.33 0.98 -19.47
C ASP A 421 9.68 -0.25 -20.10
N ARG A 422 8.86 -0.92 -19.29
CA ARG A 422 8.16 -2.13 -19.70
C ARG A 422 7.24 -1.91 -20.90
N LEU A 423 6.68 -0.71 -21.00
CA LEU A 423 5.77 -0.38 -22.10
C LEU A 423 6.51 0.03 -23.37
N GLY A 424 7.84 -0.03 -23.32
CA GLY A 424 8.64 0.32 -24.48
C GLY A 424 9.05 1.78 -24.56
N GLU A 425 8.81 2.54 -23.50
CA GLU A 425 9.18 3.96 -23.49
C GLU A 425 10.65 4.15 -23.14
N SER A 426 11.29 5.14 -23.75
CA SER A 426 12.68 5.44 -23.48
C SER A 426 12.94 6.93 -23.62
N LYS A 427 13.98 7.43 -22.94
CA LYS A 427 14.31 8.85 -22.99
C LYS A 427 13.04 9.65 -22.71
N TYR A 428 12.38 9.30 -21.62
CA TYR A 428 11.13 9.96 -21.23
C TYR A 428 11.26 10.82 -19.97
N LEU A 429 12.43 10.80 -19.35
CA LEU A 429 12.63 11.56 -18.11
C LEU A 429 12.33 13.05 -18.19
N MET A 430 12.71 13.71 -19.29
CA MET A 430 12.42 15.13 -19.39
C MET A 430 10.92 15.34 -19.58
N ALA A 431 10.28 14.47 -20.35
CA ALA A 431 8.85 14.56 -20.57
C ALA A 431 8.14 14.40 -19.24
N LEU A 432 8.64 13.47 -18.42
CA LEU A 432 8.05 13.20 -17.11
C LEU A 432 8.24 14.40 -16.19
N LYS A 433 9.43 15.01 -16.25
CA LYS A 433 9.70 16.20 -15.43
C LYS A 433 8.74 17.32 -15.84
N ASN A 434 8.50 17.46 -17.15
CA ASN A 434 7.59 18.49 -17.62
C ASN A 434 6.20 18.29 -17.04
N LEU A 435 5.72 17.05 -17.04
CA LEU A 435 4.39 16.79 -16.49
C LEU A 435 4.34 17.11 -15.00
N CYS A 436 5.45 16.92 -14.30
CA CYS A 436 5.50 17.22 -12.87
C CYS A 436 5.52 18.73 -12.65
N ASP A 437 6.33 19.43 -13.45
CA ASP A 437 6.44 20.88 -13.34
C ASP A 437 5.11 21.55 -13.66
N LEU A 438 4.34 20.95 -14.57
CA LEU A 438 3.04 21.50 -14.95
C LEU A 438 1.97 21.18 -13.90
N GLY A 439 2.30 20.32 -12.95
CA GLY A 439 1.36 19.96 -11.91
C GLY A 439 0.35 18.90 -12.34
N ILE A 440 0.55 18.34 -13.52
CA ILE A 440 -0.34 17.30 -14.04
C ILE A 440 -0.04 15.99 -13.32
N VAL A 441 1.24 15.75 -13.07
CA VAL A 441 1.69 14.56 -12.36
C VAL A 441 2.46 14.97 -11.12
N ASP A 442 2.35 14.18 -10.05
CA ASP A 442 3.06 14.48 -8.82
C ASP A 442 4.08 13.39 -8.54
N PRO A 443 5.29 13.77 -8.10
CA PRO A 443 6.32 12.77 -7.79
C PRO A 443 6.19 12.40 -6.32
N TYR A 444 6.48 11.14 -6.00
CA TYR A 444 6.41 10.65 -4.63
C TYR A 444 7.74 9.98 -4.29
N PRO A 445 8.75 10.79 -3.93
CA PRO A 445 10.09 10.28 -3.59
C PRO A 445 10.12 9.43 -2.33
N PRO A 446 11.17 8.61 -2.17
CA PRO A 446 11.28 7.77 -0.98
C PRO A 446 11.27 8.65 0.29
N LEU A 447 10.67 8.13 1.36
CA LEU A 447 10.56 8.85 2.63
C LEU A 447 11.37 8.07 3.67
N CYS A 448 12.36 8.74 4.25
CA CYS A 448 13.28 8.04 5.15
C CYS A 448 13.50 8.69 6.51
N ASP A 449 13.88 7.92 7.52
CA ASP A 449 14.13 8.59 8.79
C ASP A 449 15.65 8.79 8.76
N ILE A 450 16.25 9.17 9.88
CA ILE A 450 17.69 9.40 9.92
C ILE A 450 18.53 8.15 9.64
N LYS A 451 19.73 8.37 9.14
CA LYS A 451 20.67 7.30 8.83
C LYS A 451 20.92 6.48 10.09
N GLY A 452 20.88 5.15 9.96
CA GLY A 452 21.11 4.29 11.10
C GLY A 452 19.85 3.83 11.83
N SER A 453 18.72 4.44 11.51
CA SER A 453 17.45 4.07 12.15
C SER A 453 16.78 2.90 11.44
N TYR A 454 15.84 2.26 12.13
CA TYR A 454 15.10 1.12 11.58
C TYR A 454 13.62 1.41 11.62
N THR A 455 12.93 1.14 10.50
CA THR A 455 11.50 1.40 10.42
C THR A 455 10.74 0.15 10.00
N ALA A 456 9.51 0.02 10.50
CA ALA A 456 8.66 -1.14 10.18
C ALA A 456 7.24 -0.66 9.87
N GLN A 457 6.51 -1.43 9.06
CA GLN A 457 5.13 -1.08 8.67
C GLN A 457 4.20 -2.27 8.47
N PHE A 458 2.93 -2.06 8.80
CA PHE A 458 1.89 -3.06 8.57
C PHE A 458 0.68 -2.25 8.16
N GLU A 459 -0.10 -2.78 7.23
CA GLU A 459 -1.25 -2.05 6.71
C GLU A 459 -2.33 -2.98 6.17
N HIS A 460 -3.59 -2.58 6.38
CA HIS A 460 -4.74 -3.34 5.89
C HIS A 460 -5.76 -2.36 5.34
N THR A 461 -6.62 -2.86 4.45
CA THR A 461 -7.68 -2.05 3.88
C THR A 461 -8.96 -2.54 4.56
N ILE A 462 -9.78 -1.60 5.03
CA ILE A 462 -11.02 -1.96 5.69
C ILE A 462 -12.21 -1.30 5.01
N LEU A 463 -13.36 -1.99 5.06
CA LEU A 463 -14.58 -1.50 4.46
C LEU A 463 -15.57 -1.17 5.59
N LEU A 464 -16.05 0.07 5.63
CA LEU A 464 -17.01 0.46 6.65
C LEU A 464 -18.42 0.20 6.12
N ARG A 465 -18.77 -1.08 6.02
CA ARG A 465 -20.07 -1.48 5.52
C ARG A 465 -21.18 -1.13 6.52
N PRO A 466 -22.41 -0.93 6.02
CA PRO A 466 -23.55 -0.59 6.86
C PRO A 466 -23.81 -1.55 8.02
N THR A 467 -23.59 -2.84 7.79
CA THR A 467 -23.82 -3.85 8.83
C THR A 467 -22.62 -4.23 9.66
N CYS A 468 -21.42 -3.94 9.18
CA CYS A 468 -20.22 -4.28 9.92
C CYS A 468 -18.94 -3.68 9.34
N LYS A 469 -17.83 -3.97 9.99
CA LYS A 469 -16.52 -3.50 9.57
C LYS A 469 -15.80 -4.73 9.04
N GLU A 470 -15.36 -4.67 7.78
CA GLU A 470 -14.65 -5.79 7.18
C GLU A 470 -13.19 -5.50 6.88
N VAL A 471 -12.30 -6.24 7.52
CA VAL A 471 -10.87 -6.08 7.28
C VAL A 471 -10.68 -7.00 6.08
N VAL A 472 -11.08 -6.49 4.93
CA VAL A 472 -11.05 -7.25 3.68
C VAL A 472 -9.72 -7.88 3.27
N SER A 473 -8.60 -7.27 3.65
CA SER A 473 -7.30 -7.82 3.28
C SER A 473 -6.66 -8.71 4.35
N ARG A 474 -7.38 -8.97 5.42
CA ARG A 474 -6.87 -9.82 6.49
C ARG A 474 -6.56 -11.23 5.99
N GLY A 475 -5.48 -11.80 6.49
CA GLY A 475 -5.11 -13.15 6.08
C GLY A 475 -4.77 -13.99 7.29
N ASP A 476 -4.30 -15.21 7.06
CA ASP A 476 -3.92 -16.07 8.16
C ASP A 476 -2.47 -15.74 8.53
N ASP A 477 -1.87 -14.84 7.75
CA ASP A 477 -0.49 -14.41 7.99
C ASP A 477 -0.44 -13.17 8.87
N TYR A 478 -1.25 -12.17 8.56
CA TYR A 478 -1.32 -10.94 9.36
C TYR A 478 -2.61 -10.16 9.07
#